data_5KN9
#
_entry.id   5KN9
#
_cell.length_a   49.878
_cell.length_b   38.759
_cell.length_c   82.960
_cell.angle_alpha   90.00
_cell.angle_beta   105.66
_cell.angle_gamma   90.00
#
_symmetry.space_group_name_H-M   'P 1 21 1'
#
loop_
_entity.id
_entity.type
_entity.pdbx_description
1 polymer 'Adenine DNA glycosylase'
2 polymer "DNA (5'-D(*AP*TP*CP*CP*(8OG)P*GP*TP*GP*CP*T)-3')"
3 polymer "DNA (5'-D(*AP*GP*CP*AP*CP*AP*GP*GP*AP*T)-3')"
4 non-polymer 'IRON/SULFUR CLUSTER'
5 non-polymer 'CALCIUM ION'
6 water water
#
loop_
_entity_poly.entity_id
_entity_poly.type
_entity_poly.pdbx_seq_one_letter_code
_entity_poly.pdbx_strand_id
1 'polypeptide(L)'
;GSHMTRETERFPAREFQRDLLDWFARERRDLPWRKDRDPYKVWVSEVMLQQTRYETVIPYFEQFIDRFPTLEALADADED
EVLKAWEGLGYYSRVRNLHAAVKEVKTRYGGKVPDDPDEFSRLKGVGPYTVGAVLSLAYGVPEPAVNGNVMRVLSRLFLV
TDDIAKCSTRKRFEQIVREIMAYENPGAFNEALIELGALVCTPRRPSCLLCPVQAYCQAFAEGVAEELPVKM
;
A
2 'polydeoxyribonucleotide' (DA)(DT)(DC)(DC)(8OG)(DG)(DT)(DG)(DC)(DT) C
3 'polydeoxyribonucleotide' (DA)(DG)(DC)(DA)(DC)(DA)(DG)(DG)(DA)(DT) D
#
loop_
_chem_comp.id
_chem_comp.type
_chem_comp.name
_chem_comp.formula
8OG DNA linking 8-OXO-2'-DEOXY-GUANOSINE-5'-MONOPHOSPHATE 'C10 H14 N5 O8 P'
CA non-polymer 'CALCIUM ION' 'Ca 2'
DA DNA linking 2'-DEOXYADENOSINE-5'-MONOPHOSPHATE 'C10 H14 N5 O6 P'
DC DNA linking 2'-DEOXYCYTIDINE-5'-MONOPHOSPHATE 'C9 H14 N3 O7 P'
DG DNA linking 2'-DEOXYGUANOSINE-5'-MONOPHOSPHATE 'C10 H14 N5 O7 P'
DT DNA linking THYMIDINE-5'-MONOPHOSPHATE 'C10 H15 N2 O8 P'
SF4 non-polymer 'IRON/SULFUR CLUSTER' 'Fe4 S4'
#
# COMPACT_ATOMS: atom_id res chain seq x y z
N PHE A 11 5.81 15.83 18.73
CA PHE A 11 4.83 14.78 18.52
C PHE A 11 5.28 13.49 19.21
N PRO A 12 4.38 12.89 20.00
CA PRO A 12 4.72 11.71 20.79
C PRO A 12 4.77 10.45 19.94
N ALA A 13 5.77 10.35 19.06
CA ALA A 13 5.83 9.28 18.07
C ALA A 13 5.80 7.90 18.72
N ARG A 14 6.57 7.72 19.77
CA ARG A 14 6.67 6.40 20.39
C ARG A 14 5.31 5.92 20.94
N GLU A 15 4.58 6.79 21.62
CA GLU A 15 3.26 6.42 22.12
C GLU A 15 2.26 6.16 20.99
N PHE A 16 2.34 6.97 19.93
CA PHE A 16 1.44 6.83 18.79
C PHE A 16 1.63 5.44 18.17
N GLN A 17 2.90 5.07 17.96
CA GLN A 17 3.26 3.77 17.37
C GLN A 17 2.71 2.64 18.22
N ARG A 18 2.89 2.77 19.53
CA ARG A 18 2.40 1.78 20.47
C ARG A 18 0.91 1.56 20.26
N ASP A 19 0.14 2.64 20.39
CA ASP A 19 -1.30 2.55 20.30
C ASP A 19 -1.75 2.05 18.91
N LEU A 20 -1.11 2.52 17.85
CA LEU A 20 -1.47 2.04 16.50
C LEU A 20 -1.12 0.56 16.31
N LEU A 21 0.05 0.15 16.75
CA LEU A 21 0.47 -1.23 16.50
C LEU A 21 -0.24 -2.19 17.44
N ASP A 22 -0.55 -1.76 18.66
CA ASP A 22 -1.31 -2.62 19.58
C ASP A 22 -2.68 -2.88 19.00
N TRP A 23 -3.27 -1.84 18.42
CA TRP A 23 -4.53 -1.95 17.68
C TRP A 23 -4.43 -2.92 16.51
N PHE A 24 -3.46 -2.67 15.65
CA PHE A 24 -3.23 -3.50 14.47
C PHE A 24 -2.98 -4.99 14.80
N ALA A 25 -2.27 -5.28 15.89
CA ALA A 25 -2.07 -6.67 16.31
C ALA A 25 -3.40 -7.37 16.60
N ARG A 26 -4.34 -6.61 17.16
CA ARG A 26 -5.67 -7.12 17.47
C ARG A 26 -6.55 -7.31 16.25
N GLU A 27 -6.51 -6.36 15.32
CA GLU A 27 -7.53 -6.27 14.27
C GLU A 27 -7.06 -6.72 12.87
N ARG A 28 -5.76 -6.89 12.71
CA ARG A 28 -5.18 -7.21 11.40
C ARG A 28 -5.94 -8.35 10.74
N ARG A 29 -6.44 -8.10 9.52
CA ARG A 29 -7.21 -9.09 8.79
C ARG A 29 -6.29 -10.08 8.07
N ASP A 30 -6.57 -11.38 8.19
CA ASP A 30 -5.72 -12.38 7.54
C ASP A 30 -6.16 -12.60 6.10
N LEU A 31 -5.95 -11.56 5.29
CA LEU A 31 -6.28 -11.56 3.88
C LEU A 31 -5.28 -12.48 3.17
N PRO A 32 -5.65 -12.99 1.99
CA PRO A 32 -4.78 -13.97 1.30
C PRO A 32 -3.36 -13.46 1.02
N TRP A 33 -3.24 -12.20 0.64
CA TRP A 33 -1.95 -11.62 0.29
C TRP A 33 -1.11 -11.34 1.55
N ARG A 34 -1.65 -11.67 2.72
CA ARG A 34 -0.88 -11.54 3.94
C ARG A 34 -0.38 -12.90 4.45
N LYS A 35 -0.51 -13.94 3.62
CA LYS A 35 -0.06 -15.29 4.00
C LYS A 35 1.46 -15.36 4.16
N ASP A 36 2.19 -14.74 3.24
CA ASP A 36 3.62 -14.63 3.40
C ASP A 36 4.13 -13.24 3.02
N ARG A 37 5.45 -13.06 3.07
CA ARG A 37 6.06 -11.80 2.68
C ARG A 37 6.82 -11.95 1.36
N ASP A 38 6.28 -12.74 0.43
CA ASP A 38 6.84 -12.84 -0.92
C ASP A 38 6.64 -11.52 -1.64
N PRO A 39 7.74 -10.85 -2.03
CA PRO A 39 7.67 -9.56 -2.72
C PRO A 39 6.81 -9.64 -3.96
N TYR A 40 6.95 -10.73 -4.72
CA TYR A 40 6.13 -10.96 -5.90
C TYR A 40 4.65 -11.02 -5.58
N LYS A 41 4.26 -11.84 -4.61
CA LYS A 41 2.84 -11.88 -4.24
C LYS A 41 2.35 -10.53 -3.70
N VAL A 42 3.17 -9.86 -2.88
CA VAL A 42 2.78 -8.56 -2.34
C VAL A 42 2.53 -7.59 -3.50
N TRP A 43 3.46 -7.59 -4.46
CA TRP A 43 3.41 -6.69 -5.60
C TRP A 43 2.15 -6.92 -6.42
N VAL A 44 1.82 -8.19 -6.70
CA VAL A 44 0.59 -8.50 -7.41
C VAL A 44 -0.65 -7.98 -6.66
N SER A 45 -0.72 -8.25 -5.37
CA SER A 45 -1.88 -7.77 -4.60
C SER A 45 -1.99 -6.23 -4.64
N GLU A 46 -0.86 -5.52 -4.55
CA GLU A 46 -0.92 -4.06 -4.59
C GLU A 46 -1.44 -3.53 -5.93
N VAL A 47 -1.00 -4.12 -7.05
CA VAL A 47 -1.50 -3.71 -8.35
C VAL A 47 -3.03 -3.95 -8.43
N MET A 48 -3.46 -5.13 -8.01
CA MET A 48 -4.89 -5.48 -8.01
C MET A 48 -5.73 -4.53 -7.14
N LEU A 49 -5.18 -4.16 -5.99
CA LEU A 49 -5.96 -3.45 -4.96
C LEU A 49 -5.99 -1.94 -5.21
N GLN A 50 -5.15 -1.47 -6.14
CA GLN A 50 -5.08 -0.07 -6.51
C GLN A 50 -6.32 0.33 -7.30
N GLN A 51 -6.92 -0.64 -7.96
CA GLN A 51 -8.04 -0.41 -8.85
C GLN A 51 -9.38 -0.94 -8.33
N THR A 52 -9.33 -1.97 -7.49
CA THR A 52 -10.52 -2.78 -7.20
C THR A 52 -10.67 -3.09 -5.71
N ARG A 53 -11.91 -3.14 -5.21
CA ARG A 53 -12.15 -3.43 -3.79
C ARG A 53 -11.67 -4.83 -3.40
N TYR A 54 -11.27 -4.98 -2.15
CA TYR A 54 -10.61 -6.21 -1.72
C TYR A 54 -11.54 -7.41 -1.76
N GLU A 55 -12.84 -7.21 -1.62
CA GLU A 55 -13.75 -8.36 -1.66
C GLU A 55 -13.71 -9.02 -3.03
N THR A 56 -13.61 -8.19 -4.07
CA THR A 56 -13.47 -8.69 -5.44
C THR A 56 -12.08 -9.25 -5.71
N VAL A 57 -11.06 -8.62 -5.13
CA VAL A 57 -9.67 -8.99 -5.39
C VAL A 57 -9.37 -10.40 -4.86
N ILE A 58 -10.01 -10.77 -3.77
CA ILE A 58 -9.70 -12.06 -3.13
C ILE A 58 -9.72 -13.27 -4.10
N PRO A 59 -10.85 -13.53 -4.81
CA PRO A 59 -10.81 -14.66 -5.75
C PRO A 59 -9.80 -14.49 -6.89
N TYR A 60 -9.69 -13.29 -7.43
CA TYR A 60 -8.74 -13.07 -8.53
C TYR A 60 -7.32 -13.34 -8.08
N PHE A 61 -6.96 -12.86 -6.89
CA PHE A 61 -5.60 -13.04 -6.41
C PHE A 61 -5.28 -14.52 -6.26
N GLU A 62 -6.19 -15.27 -5.65
CA GLU A 62 -5.88 -16.67 -5.38
C GLU A 62 -5.71 -17.44 -6.68
N GLN A 63 -6.53 -17.13 -7.68
CA GLN A 63 -6.48 -17.83 -8.95
C GLN A 63 -5.27 -17.38 -9.78
N PHE A 64 -4.94 -16.10 -9.68
CA PHE A 64 -3.79 -15.55 -10.43
C PHE A 64 -2.47 -16.19 -9.97
N ILE A 65 -2.30 -16.27 -8.65
CA ILE A 65 -1.12 -16.87 -8.04
C ILE A 65 -1.09 -18.37 -8.31
N ASP A 66 -2.25 -19.01 -8.28
CA ASP A 66 -2.32 -20.43 -8.60
C ASP A 66 -1.84 -20.65 -10.04
N ARG A 67 -2.25 -19.78 -10.95
CA ARG A 67 -1.78 -19.86 -12.32
C ARG A 67 -0.30 -19.43 -12.43
N PHE A 68 0.08 -18.43 -11.64
CA PHE A 68 1.44 -17.91 -11.67
C PHE A 68 2.06 -17.90 -10.26
N PRO A 69 2.59 -19.06 -9.82
CA PRO A 69 3.02 -19.23 -8.43
C PRO A 69 4.26 -18.43 -8.07
N THR A 70 5.04 -18.08 -9.09
CA THR A 70 6.29 -17.36 -8.93
C THR A 70 6.40 -16.26 -9.97
N LEU A 71 7.31 -15.33 -9.71
CA LEU A 71 7.58 -14.24 -10.64
C LEU A 71 8.07 -14.76 -12.01
N GLU A 72 8.98 -15.72 -12.04
CA GLU A 72 9.47 -16.27 -13.31
C GLU A 72 8.33 -16.93 -14.08
N ALA A 73 7.39 -17.55 -13.37
CA ALA A 73 6.21 -18.10 -14.00
C ALA A 73 5.44 -17.02 -14.74
N LEU A 74 5.25 -15.88 -14.09
CA LEU A 74 4.54 -14.76 -14.71
C LEU A 74 5.32 -14.24 -15.91
N ALA A 75 6.58 -13.91 -15.67
CA ALA A 75 7.46 -13.44 -16.75
C ALA A 75 7.45 -14.37 -17.96
N ASP A 76 7.41 -15.68 -17.73
CA ASP A 76 7.54 -16.64 -18.83
C ASP A 76 6.23 -16.81 -19.62
N ALA A 77 5.11 -16.43 -19.01
CA ALA A 77 3.81 -16.62 -19.63
C ALA A 77 3.62 -15.71 -20.83
N ASP A 78 2.89 -16.21 -21.83
CA ASP A 78 2.43 -15.37 -22.93
C ASP A 78 1.45 -14.33 -22.42
N GLU A 79 1.41 -13.19 -23.08
CA GLU A 79 0.56 -12.09 -22.66
C GLU A 79 -0.92 -12.46 -22.69
N ASP A 80 -1.32 -13.23 -23.70
CA ASP A 80 -2.70 -13.68 -23.81
C ASP A 80 -3.15 -14.43 -22.56
N GLU A 81 -2.24 -15.22 -22.00
CA GLU A 81 -2.54 -15.95 -20.78
C GLU A 81 -2.71 -14.97 -19.62
N VAL A 82 -1.79 -14.01 -19.54
CA VAL A 82 -1.83 -13.02 -18.48
C VAL A 82 -3.15 -12.25 -18.52
N LEU A 83 -3.50 -11.74 -19.70
CA LEU A 83 -4.73 -10.97 -19.87
C LEU A 83 -5.98 -11.76 -19.50
N LYS A 84 -5.95 -13.07 -19.77
CA LYS A 84 -7.09 -13.92 -19.48
C LYS A 84 -7.24 -14.11 -17.97
N ALA A 85 -6.11 -14.17 -17.28
CA ALA A 85 -6.12 -14.29 -15.82
C ALA A 85 -6.66 -13.00 -15.19
N TRP A 86 -6.44 -11.88 -15.88
CA TRP A 86 -6.83 -10.57 -15.39
C TRP A 86 -8.28 -10.26 -15.71
N GLU A 87 -8.87 -11.09 -16.56
CA GLU A 87 -10.23 -10.93 -17.06
C GLU A 87 -11.27 -10.64 -15.97
N GLY A 88 -11.80 -9.44 -15.99
CA GLY A 88 -12.82 -9.06 -15.01
C GLY A 88 -12.35 -7.94 -14.14
N LEU A 89 -11.03 -7.80 -13.99
CA LEU A 89 -10.46 -6.72 -13.18
C LEU A 89 -10.40 -5.41 -13.95
N GLY A 90 -10.34 -5.47 -15.27
CA GLY A 90 -10.21 -4.26 -16.07
C GLY A 90 -8.81 -3.65 -15.97
N TYR A 91 -8.66 -2.45 -16.53
CA TYR A 91 -7.36 -1.76 -16.59
C TYR A 91 -6.28 -2.64 -17.17
N TYR A 92 -6.50 -3.13 -18.37
CA TYR A 92 -5.64 -4.18 -18.90
C TYR A 92 -4.21 -3.67 -19.10
N SER A 93 -4.05 -2.39 -19.39
CA SER A 93 -2.71 -1.84 -19.62
C SER A 93 -1.86 -1.87 -18.34
N ARG A 94 -2.51 -1.94 -17.18
N ARG A 94 -2.51 -1.96 -17.18
CA ARG A 94 -1.77 -2.03 -15.93
CA ARG A 94 -1.77 -2.01 -15.93
C ARG A 94 -1.13 -3.40 -15.74
C ARG A 94 -1.18 -3.40 -15.67
N VAL A 95 -1.82 -4.44 -16.18
CA VAL A 95 -1.29 -5.78 -16.04
C VAL A 95 -0.22 -6.00 -17.12
N ARG A 96 -0.38 -5.38 -18.27
CA ARG A 96 0.64 -5.44 -19.31
C ARG A 96 1.92 -4.80 -18.78
N ASN A 97 1.79 -3.70 -18.05
CA ASN A 97 2.95 -3.05 -17.45
C ASN A 97 3.55 -3.91 -16.34
N LEU A 98 2.71 -4.54 -15.53
CA LEU A 98 3.19 -5.49 -14.54
C LEU A 98 4.00 -6.59 -15.22
N HIS A 99 3.44 -7.16 -16.29
CA HIS A 99 4.07 -8.21 -17.10
C HIS A 99 5.45 -7.78 -17.57
N ALA A 100 5.50 -6.58 -18.15
CA ALA A 100 6.74 -6.00 -18.62
C ALA A 100 7.74 -5.89 -17.48
N ALA A 101 7.27 -5.45 -16.32
CA ALA A 101 8.17 -5.18 -15.20
C ALA A 101 8.76 -6.48 -14.68
N VAL A 102 7.91 -7.48 -14.54
N VAL A 102 7.93 -7.52 -14.53
CA VAL A 102 8.32 -8.79 -14.08
CA VAL A 102 8.46 -8.78 -14.02
C VAL A 102 9.35 -9.41 -15.04
C VAL A 102 9.37 -9.46 -15.05
N LYS A 103 9.17 -9.16 -16.33
CA LYS A 103 10.10 -9.66 -17.36
C LYS A 103 11.47 -9.01 -17.16
N GLU A 104 11.46 -7.72 -16.83
CA GLU A 104 12.70 -7.01 -16.58
C GLU A 104 13.37 -7.54 -15.31
N VAL A 105 12.57 -7.78 -14.28
CA VAL A 105 13.09 -8.35 -13.04
C VAL A 105 13.79 -9.69 -13.30
N LYS A 106 13.21 -10.51 -14.17
CA LYS A 106 13.80 -11.82 -14.46
C LYS A 106 15.10 -11.68 -15.25
N THR A 107 15.08 -10.89 -16.31
CA THR A 107 16.24 -10.79 -17.17
C THR A 107 17.34 -9.96 -16.52
N ARG A 108 16.98 -8.90 -15.82
CA ARG A 108 17.98 -7.97 -15.31
C ARG A 108 18.35 -8.22 -13.85
N TYR A 109 17.37 -8.61 -13.04
CA TYR A 109 17.63 -8.77 -11.61
C TYR A 109 17.59 -10.23 -11.15
N GLY A 110 17.77 -11.16 -12.09
CA GLY A 110 17.88 -12.57 -11.76
C GLY A 110 16.63 -13.14 -11.12
N GLY A 111 15.49 -12.54 -11.42
CA GLY A 111 14.20 -13.00 -10.93
C GLY A 111 13.82 -12.52 -9.53
N LYS A 112 14.70 -11.74 -8.92
CA LYS A 112 14.44 -11.24 -7.57
C LYS A 112 14.03 -9.77 -7.59
N VAL A 113 12.85 -9.47 -7.04
CA VAL A 113 12.40 -8.09 -6.91
C VAL A 113 13.48 -7.28 -6.21
N PRO A 114 13.98 -6.24 -6.88
CA PRO A 114 15.05 -5.39 -6.33
C PRO A 114 14.65 -4.75 -5.00
N ASP A 115 15.53 -4.82 -4.02
CA ASP A 115 15.26 -4.25 -2.70
C ASP A 115 15.81 -2.85 -2.54
N ASP A 116 16.40 -2.31 -3.61
CA ASP A 116 16.77 -0.90 -3.63
C ASP A 116 15.63 -0.07 -4.22
N PRO A 117 15.16 0.94 -3.47
CA PRO A 117 14.02 1.76 -3.92
C PRO A 117 14.26 2.34 -5.30
N ASP A 118 15.41 2.96 -5.53
CA ASP A 118 15.70 3.58 -6.82
C ASP A 118 15.65 2.57 -7.96
N GLU A 119 16.27 1.40 -7.76
CA GLU A 119 16.18 0.34 -8.76
C GLU A 119 14.74 -0.12 -9.04
N PHE A 120 13.99 -0.46 -7.99
CA PHE A 120 12.63 -0.96 -8.14
C PHE A 120 11.76 0.07 -8.86
N SER A 121 11.98 1.34 -8.52
CA SER A 121 11.21 2.42 -9.11
C SER A 121 11.40 2.59 -10.61
N ARG A 122 12.52 2.13 -11.14
CA ARG A 122 12.82 2.26 -12.58
C ARG A 122 11.90 1.42 -13.48
N LEU A 123 11.26 0.42 -12.89
CA LEU A 123 10.37 -0.49 -13.62
C LEU A 123 9.04 0.14 -14.03
N LYS A 124 8.56 -0.25 -15.21
CA LYS A 124 7.30 0.25 -15.75
C LYS A 124 6.14 0.04 -14.79
N GLY A 125 5.38 1.11 -14.57
CA GLY A 125 4.21 1.06 -13.72
C GLY A 125 4.48 1.20 -12.23
N VAL A 126 5.75 1.19 -11.83
CA VAL A 126 6.07 1.15 -10.40
C VAL A 126 6.39 2.55 -9.87
N GLY A 127 5.45 3.14 -9.15
CA GLY A 127 5.64 4.50 -8.63
C GLY A 127 5.95 4.47 -7.14
N PRO A 128 5.97 5.65 -6.50
CA PRO A 128 6.36 5.83 -5.10
C PRO A 128 5.59 4.99 -4.11
N TYR A 129 4.29 4.83 -4.30
CA TYR A 129 3.51 3.99 -3.39
C TYR A 129 3.90 2.53 -3.55
N THR A 130 3.97 2.06 -4.80
CA THR A 130 4.23 0.64 -5.02
C THR A 130 5.61 0.31 -4.49
N VAL A 131 6.58 1.21 -4.68
CA VAL A 131 7.91 1.01 -4.14
C VAL A 131 7.86 0.81 -2.63
N GLY A 132 7.24 1.77 -1.94
CA GLY A 132 7.19 1.75 -0.48
C GLY A 132 6.44 0.55 0.06
N ALA A 133 5.33 0.21 -0.58
CA ALA A 133 4.52 -0.90 -0.10
C ALA A 133 5.26 -2.22 -0.27
N VAL A 134 5.76 -2.49 -1.47
CA VAL A 134 6.43 -3.77 -1.66
C VAL A 134 7.69 -3.86 -0.79
N LEU A 135 8.54 -2.84 -0.82
CA LEU A 135 9.83 -3.00 -0.16
C LEU A 135 9.69 -2.99 1.37
N SER A 136 8.71 -2.26 1.90
CA SER A 136 8.53 -2.26 3.36
C SER A 136 7.79 -3.52 3.83
N LEU A 137 6.71 -3.91 3.15
CA LEU A 137 6.00 -5.15 3.52
C LEU A 137 6.87 -6.39 3.32
N ALA A 138 7.53 -6.52 2.17
CA ALA A 138 8.24 -7.75 1.86
C ALA A 138 9.66 -7.79 2.41
N TYR A 139 10.37 -6.67 2.33
CA TYR A 139 11.80 -6.65 2.72
C TYR A 139 12.09 -5.87 4.01
N GLY A 140 11.09 -5.20 4.56
CA GLY A 140 11.30 -4.39 5.74
C GLY A 140 12.12 -3.12 5.53
N VAL A 141 12.25 -2.68 4.28
CA VAL A 141 12.95 -1.43 3.99
C VAL A 141 12.10 -0.26 4.49
N PRO A 142 12.69 0.64 5.28
CA PRO A 142 11.84 1.65 5.93
C PRO A 142 11.43 2.81 5.03
N GLU A 143 10.77 2.51 3.92
CA GLU A 143 10.25 3.52 3.00
C GLU A 143 8.78 3.78 3.28
N PRO A 144 8.33 5.03 3.11
CA PRO A 144 6.89 5.31 3.29
C PRO A 144 6.06 4.67 2.19
N ALA A 145 4.83 4.31 2.52
CA ALA A 145 3.94 3.73 1.54
C ALA A 145 2.63 4.51 1.59
N VAL A 146 2.65 5.69 0.97
CA VAL A 146 1.55 6.63 1.09
C VAL A 146 0.53 6.46 -0.05
N ASN A 147 -0.56 5.78 0.23
CA ASN A 147 -1.66 5.68 -0.74
C ASN A 147 -2.81 6.58 -0.28
N GLY A 148 -3.97 6.48 -0.93
CA GLY A 148 -5.13 7.29 -0.57
C GLY A 148 -5.55 7.16 0.89
N ASN A 149 -5.62 5.90 1.38
CA ASN A 149 -5.89 5.62 2.78
C ASN A 149 -4.98 6.39 3.70
N VAL A 150 -3.68 6.31 3.42
CA VAL A 150 -2.70 6.93 4.31
C VAL A 150 -2.81 8.45 4.24
N MET A 151 -3.06 8.99 3.03
CA MET A 151 -3.20 10.44 2.90
C MET A 151 -4.41 10.89 3.69
N ARG A 152 -5.48 10.09 3.67
CA ARG A 152 -6.65 10.46 4.46
C ARG A 152 -6.30 10.45 5.96
N VAL A 153 -5.72 9.35 6.44
CA VAL A 153 -5.31 9.23 7.84
C VAL A 153 -4.40 10.36 8.27
N LEU A 154 -3.33 10.60 7.50
CA LEU A 154 -2.35 11.63 7.90
C LEU A 154 -2.92 13.06 7.82
N SER A 155 -3.74 13.33 6.80
CA SER A 155 -4.34 14.66 6.65
C SER A 155 -5.20 14.98 7.87
N ARG A 156 -5.83 13.96 8.42
CA ARG A 156 -6.65 14.13 9.61
C ARG A 156 -5.81 14.27 10.88
N LEU A 157 -4.92 13.32 11.13
CA LEU A 157 -4.03 13.40 12.30
C LEU A 157 -3.32 14.73 12.42
N PHE A 158 -2.81 15.25 11.30
CA PHE A 158 -1.95 16.43 11.32
C PHE A 158 -2.60 17.67 10.69
N LEU A 159 -3.89 17.56 10.35
CA LEU A 159 -4.65 18.68 9.81
C LEU A 159 -3.92 19.26 8.58
N VAL A 160 -3.65 18.41 7.60
CA VAL A 160 -3.05 18.85 6.35
C VAL A 160 -4.15 19.28 5.37
N THR A 161 -4.21 20.57 5.08
CA THR A 161 -5.27 21.10 4.25
C THR A 161 -4.84 21.33 2.79
N ASP A 162 -3.67 20.82 2.43
CA ASP A 162 -3.17 21.03 1.06
C ASP A 162 -3.74 19.98 0.12
N ASP A 163 -3.91 20.37 -1.14
CA ASP A 163 -4.36 19.48 -2.21
C ASP A 163 -3.53 18.20 -2.27
N ILE A 164 -4.15 17.05 -2.00
CA ILE A 164 -3.40 15.79 -2.01
C ILE A 164 -3.00 15.33 -3.42
N ALA A 165 -3.51 15.97 -4.46
CA ALA A 165 -3.07 15.69 -5.84
C ALA A 165 -1.66 16.22 -6.16
N LYS A 166 -1.16 17.13 -5.33
CA LYS A 166 0.13 17.81 -5.57
C LYS A 166 1.31 16.99 -5.05
N CYS A 167 2.41 17.01 -5.80
CA CYS A 167 3.62 16.36 -5.34
C CYS A 167 4.14 16.97 -4.03
N SER A 168 3.98 18.29 -3.87
CA SER A 168 4.50 18.95 -2.67
C SER A 168 3.73 18.43 -1.44
N THR A 169 2.44 18.23 -1.59
CA THR A 169 1.64 17.66 -0.49
C THR A 169 2.05 16.23 -0.19
N ARG A 170 2.26 15.42 -1.22
CA ARG A 170 2.67 14.04 -1.01
C ARG A 170 4.06 13.95 -0.36
N LYS A 171 5.00 14.81 -0.78
CA LYS A 171 6.30 14.87 -0.11
C LYS A 171 6.19 15.22 1.36
N ARG A 172 5.25 16.10 1.70
CA ARG A 172 5.00 16.38 3.11
C ARG A 172 4.51 15.12 3.86
N PHE A 173 3.57 14.38 3.27
CA PHE A 173 3.13 13.09 3.87
C PHE A 173 4.29 12.13 4.10
N GLU A 174 5.15 11.98 3.08
CA GLU A 174 6.34 11.12 3.19
C GLU A 174 7.23 11.52 4.34
N GLN A 175 7.46 12.82 4.47
CA GLN A 175 8.32 13.34 5.52
C GLN A 175 7.73 13.04 6.90
N ILE A 176 6.42 13.24 7.05
CA ILE A 176 5.70 12.90 8.28
C ILE A 176 5.92 11.44 8.66
N VAL A 177 5.69 10.55 7.69
CA VAL A 177 5.94 9.12 7.89
C VAL A 177 7.40 8.85 8.30
N ARG A 178 8.36 9.41 7.57
CA ARG A 178 9.76 9.19 7.92
C ARG A 178 10.04 9.67 9.35
N GLU A 179 9.34 10.71 9.78
CA GLU A 179 9.48 11.21 11.16
C GLU A 179 8.82 10.30 12.21
N ILE A 180 7.64 9.75 11.93
CA ILE A 180 6.91 9.03 12.97
C ILE A 180 6.94 7.52 12.84
N MET A 181 7.54 7.00 11.77
CA MET A 181 7.61 5.56 11.53
C MET A 181 8.22 4.76 12.68
N ALA A 182 7.63 3.59 12.96
CA ALA A 182 8.27 2.61 13.84
C ALA A 182 9.37 1.85 13.07
N TYR A 183 10.63 2.26 13.25
CA TYR A 183 11.72 1.69 12.45
C TYR A 183 12.08 0.26 12.83
N GLU A 184 11.63 -0.21 13.99
CA GLU A 184 11.84 -1.61 14.37
C GLU A 184 10.94 -2.56 13.55
N ASN A 185 9.94 -2.00 12.86
CA ASN A 185 9.08 -2.79 11.97
C ASN A 185 8.36 -1.90 10.98
N PRO A 186 9.07 -1.41 9.95
CA PRO A 186 8.43 -0.49 9.01
C PRO A 186 7.25 -1.11 8.24
N GLY A 187 7.35 -2.40 7.94
CA GLY A 187 6.26 -3.15 7.35
C GLY A 187 4.97 -3.11 8.14
N ALA A 188 5.01 -3.50 9.41
CA ALA A 188 3.80 -3.51 10.23
C ALA A 188 3.26 -2.09 10.40
N PHE A 189 4.17 -1.12 10.49
CA PHE A 189 3.79 0.29 10.65
C PHE A 189 2.96 0.77 9.45
N ASN A 190 3.48 0.57 8.25
CA ASN A 190 2.82 0.99 7.03
C ASN A 190 1.49 0.26 6.81
N GLU A 191 1.49 -1.05 7.04
CA GLU A 191 0.26 -1.82 6.98
C GLU A 191 -0.80 -1.26 7.93
N ALA A 192 -0.37 -0.89 9.13
CA ALA A 192 -1.31 -0.44 10.15
C ALA A 192 -1.96 0.87 9.74
N LEU A 193 -1.20 1.78 9.13
CA LEU A 193 -1.78 3.05 8.65
C LEU A 193 -2.82 2.79 7.55
N ILE A 194 -2.50 1.87 6.64
CA ILE A 194 -3.41 1.51 5.55
C ILE A 194 -4.69 0.84 6.09
N GLU A 195 -4.50 -0.06 7.05
CA GLU A 195 -5.62 -0.79 7.68
C GLU A 195 -6.49 0.17 8.51
N LEU A 196 -5.86 1.10 9.21
CA LEU A 196 -6.65 2.14 9.91
C LEU A 196 -7.58 2.89 8.93
N GLY A 197 -7.04 3.35 7.81
CA GLY A 197 -7.85 4.02 6.80
C GLY A 197 -8.89 3.13 6.13
N ALA A 198 -8.67 1.82 6.18
CA ALA A 198 -9.64 0.91 5.59
C ALA A 198 -10.81 0.69 6.55
N LEU A 199 -10.49 0.58 7.83
CA LEU A 199 -11.42 0.01 8.82
C LEU A 199 -12.07 1.04 9.71
N VAL A 200 -11.32 2.10 10.00
CA VAL A 200 -11.72 3.05 11.03
C VAL A 200 -11.78 4.46 10.48
N CYS A 201 -10.69 4.88 9.86
CA CYS A 201 -10.56 6.27 9.41
C CYS A 201 -11.00 6.41 7.96
N THR A 202 -12.30 6.17 7.75
CA THR A 202 -12.88 5.91 6.43
C THR A 202 -13.25 7.21 5.69
N PRO A 203 -13.50 7.14 4.36
CA PRO A 203 -13.75 8.41 3.66
C PRO A 203 -14.87 9.22 4.29
N ARG A 204 -16.03 8.59 4.46
CA ARG A 204 -17.17 9.22 5.11
C ARG A 204 -17.37 8.64 6.51
N ARG A 205 -17.79 9.49 7.43
CA ARG A 205 -18.10 9.11 8.80
C ARG A 205 -17.07 8.19 9.44
N PRO A 206 -15.82 8.67 9.60
CA PRO A 206 -14.81 7.83 10.26
C PRO A 206 -15.22 7.49 11.68
N SER A 207 -14.77 6.33 12.16
CA SER A 207 -15.20 5.81 13.45
C SER A 207 -14.30 6.28 14.58
N CYS A 208 -14.23 7.61 14.75
CA CYS A 208 -13.32 8.22 15.72
C CYS A 208 -13.52 7.72 17.16
N LEU A 209 -14.74 7.34 17.53
CA LEU A 209 -15.00 6.96 18.92
C LEU A 209 -14.29 5.64 19.24
N LEU A 210 -14.05 4.83 18.22
CA LEU A 210 -13.30 3.58 18.37
C LEU A 210 -11.84 3.64 17.90
N CYS A 211 -11.38 4.81 17.48
CA CYS A 211 -10.04 4.91 16.89
C CYS A 211 -8.92 4.86 17.94
N PRO A 212 -7.91 3.99 17.70
CA PRO A 212 -6.83 3.86 18.68
C PRO A 212 -5.94 5.08 18.78
N VAL A 213 -5.96 5.95 17.77
CA VAL A 213 -5.07 7.12 17.81
C VAL A 213 -5.86 8.42 17.90
N GLN A 214 -7.06 8.33 18.47
CA GLN A 214 -7.92 9.48 18.62
C GLN A 214 -7.22 10.60 19.38
N ALA A 215 -6.44 10.23 20.39
CA ALA A 215 -5.81 11.18 21.29
C ALA A 215 -4.78 12.04 20.58
N TYR A 216 -4.33 11.58 19.42
CA TYR A 216 -3.30 12.25 18.65
C TYR A 216 -3.86 13.04 17.49
N CYS A 217 -5.16 12.87 17.23
CA CYS A 217 -5.74 13.39 16.01
C CYS A 217 -6.18 14.86 16.08
N GLN A 218 -5.54 15.71 15.27
CA GLN A 218 -5.92 17.12 15.22
C GLN A 218 -7.30 17.32 14.62
N ALA A 219 -7.62 16.61 13.53
CA ALA A 219 -8.93 16.84 12.90
C ALA A 219 -10.08 16.46 13.84
N PHE A 220 -9.92 15.38 14.60
CA PHE A 220 -10.96 15.05 15.57
C PHE A 220 -11.06 16.13 16.63
N ALA A 221 -9.92 16.61 17.12
CA ALA A 221 -9.92 17.63 18.16
C ALA A 221 -10.60 18.90 17.68
N GLU A 222 -10.48 19.15 16.39
CA GLU A 222 -11.05 20.35 15.78
C GLU A 222 -12.45 20.11 15.19
N GLY A 223 -12.90 18.85 15.17
CA GLY A 223 -14.22 18.52 14.65
C GLY A 223 -14.37 18.71 13.15
N VAL A 224 -13.32 18.41 12.39
CA VAL A 224 -13.30 18.62 10.94
C VAL A 224 -12.84 17.40 10.13
N ALA A 225 -12.88 16.21 10.73
CA ALA A 225 -12.42 15.00 10.04
C ALA A 225 -13.10 14.77 8.71
N GLU A 226 -14.40 14.99 8.68
CA GLU A 226 -15.17 14.75 7.48
C GLU A 226 -14.77 15.67 6.33
N GLU A 227 -14.09 16.76 6.63
CA GLU A 227 -13.70 17.70 5.59
C GLU A 227 -12.34 17.32 4.97
N LEU A 228 -11.76 16.22 5.45
CA LEU A 228 -10.42 15.82 5.01
C LEU A 228 -10.38 14.43 4.35
N PRO A 229 -9.46 14.22 3.39
CA PRO A 229 -8.42 15.15 2.91
C PRO A 229 -8.95 16.18 1.91
N VAL A 230 -8.15 17.20 1.63
CA VAL A 230 -8.51 18.17 0.62
C VAL A 230 -8.08 17.73 -0.76
N LYS A 231 -9.03 17.71 -1.70
CA LYS A 231 -8.73 17.44 -3.09
C LYS A 231 -9.46 18.46 -3.97
N MET A 232 -8.85 18.84 -5.08
CA MET A 232 -9.35 19.97 -5.85
C MET A 232 -9.59 19.62 -7.31
P 8OG B 5 -5.71 11.18 -21.27
OP1 8OG B 5 -5.36 11.03 -22.71
OP2 8OG B 5 -6.81 12.10 -20.89
O5' 8OG B 5 -6.06 9.75 -20.64
C5' 8OG B 5 -5.07 8.80 -20.30
C4' 8OG B 5 -5.74 7.65 -19.56
O4' 8OG B 5 -5.86 7.95 -18.14
C3' 8OG B 5 -7.14 7.29 -20.03
O3' 8OG B 5 -7.30 5.91 -19.92
C2' 8OG B 5 -8.07 7.93 -18.99
C1' 8OG B 5 -7.21 7.72 -17.75
N9 8OG B 5 -7.49 8.58 -16.60
C8 8OG B 5 -7.43 8.13 -15.30
N7 8OG B 5 -7.71 9.11 -14.50
C5 8OG B 5 -7.96 10.25 -15.26
C6 8OG B 5 -8.31 11.56 -14.85
O6 8OG B 5 -8.45 11.96 -13.69
N1 8OG B 5 -8.47 12.39 -15.96
C2 8OG B 5 -8.31 11.99 -17.28
N2 8OG B 5 -8.49 12.92 -18.22
N3 8OG B 5 -7.98 10.75 -17.65
C4 8OG B 5 -7.82 9.91 -16.58
O8 8OG B 5 -7.16 6.96 -14.97
FE1 SF4 D . -11.16 9.94 13.56
FE2 SF4 D . -9.24 9.29 11.54
FE3 SF4 D . -8.90 8.32 14.17
FE4 SF4 D . -8.56 11.03 13.60
S1 SF4 D . -7.46 9.30 12.83
S2 SF4 D . -9.73 10.04 15.22
S3 SF4 D . -10.13 11.21 12.06
S4 SF4 D . -10.55 7.98 12.76
CA CA E . 8.94 4.78 -11.14
CA CA F . -1.09 24.01 -9.74
#